data_4BXJ
#
_entry.id   4BXJ
#
_cell.length_a   101.805
_cell.length_b   101.805
_cell.length_c   164.475
_cell.angle_alpha   90.00
_cell.angle_beta   90.00
_cell.angle_gamma   90.00
#
_symmetry.space_group_name_H-M   'P 41 21 2'
#
loop_
_entity.id
_entity.type
_entity.pdbx_description
1 polymer AMPDH3
2 non-polymer GLYCEROL
3 water water
#
_entity_poly.entity_id   1
_entity_poly.type   'polypeptide(L)'
_entity_poly.pdbx_seq_one_letter_code
;MLTIDYNSYRTTTPYGKRVRFLVLHYTALDFAASVKALTTGAASAHYLIPAPHDPSYKAAGFKGQRIFNLVAEEDRAWHA
GVSGWARRDNLNDTSIGIEIVNLARDDDGVFTFPDYERSQINALKQLAKNILQRYPDMTPKNVVGHSDIAVGRKSDPGPK
LPWKELYEAGIGAWYDDATRDRYREGFERDGLPPRADLLEAFRLYGYALPATVDDAYFASLLRAFQMHFRPENYDGALDV
ETAAILYALNEKYPA
;
_entity_poly.pdbx_strand_id   A,B
#
# COMPACT_ATOMS: atom_id res chain seq x y z
N MET A 1 -27.47 16.49 8.30
CA MET A 1 -27.21 15.33 9.15
C MET A 1 -27.69 14.03 8.51
N LEU A 2 -26.98 13.64 7.46
CA LEU A 2 -27.20 12.37 6.81
C LEU A 2 -26.62 11.28 7.68
N THR A 3 -27.21 10.10 7.58
CA THR A 3 -26.60 8.90 8.13
C THR A 3 -26.14 8.10 6.94
N ILE A 4 -25.07 7.33 7.09
CA ILE A 4 -24.57 6.52 5.97
C ILE A 4 -25.45 5.28 5.75
N ASP A 5 -25.65 4.92 4.47
CA ASP A 5 -26.50 3.78 4.10
C ASP A 5 -25.61 2.57 3.84
N TYR A 6 -25.63 1.61 4.77
CA TYR A 6 -24.80 0.43 4.64
C TYR A 6 -25.63 -0.78 4.19
N ASN A 7 -26.89 -0.54 3.85
CA ASN A 7 -27.79 -1.65 3.59
C ASN A 7 -28.32 -1.73 2.16
N SER A 8 -28.42 -0.60 1.48
CA SER A 8 -29.08 -0.56 0.19
C SER A 8 -28.30 -1.28 -0.90
N TYR A 9 -26.98 -1.15 -0.86
CA TYR A 9 -26.14 -1.70 -1.91
C TYR A 9 -24.83 -2.19 -1.32
N ARG A 10 -24.33 -3.30 -1.82
CA ARG A 10 -23.10 -3.89 -1.30
C ARG A 10 -22.32 -4.48 -2.44
N THR A 11 -21.09 -4.02 -2.61
CA THR A 11 -20.22 -4.55 -3.65
C THR A 11 -19.95 -6.02 -3.39
N THR A 12 -19.98 -6.83 -4.45
CA THR A 12 -19.71 -8.24 -4.33
C THR A 12 -18.40 -8.55 -5.04
N THR A 13 -18.43 -8.55 -6.36
CA THR A 13 -17.29 -9.03 -7.12
C THR A 13 -16.05 -8.12 -7.05
N PRO A 14 -16.13 -6.86 -7.54
CA PRO A 14 -14.93 -6.01 -7.69
C PRO A 14 -14.42 -5.32 -6.41
N TYR A 15 -13.97 -6.09 -5.43
CA TYR A 15 -13.31 -5.55 -4.25
C TYR A 15 -12.51 -6.65 -3.53
N GLY A 16 -11.64 -6.26 -2.60
CA GLY A 16 -10.83 -7.20 -1.87
C GLY A 16 -10.43 -6.76 -0.48
N LYS A 17 -9.31 -7.31 0.01
CA LYS A 17 -8.74 -6.96 1.31
C LYS A 17 -7.57 -6.05 1.08
N ARG A 18 -7.24 -5.20 2.04
CA ARG A 18 -6.05 -4.37 1.86
C ARG A 18 -4.78 -5.19 2.10
N VAL A 19 -4.89 -6.26 2.88
CA VAL A 19 -3.76 -7.13 3.21
C VAL A 19 -3.62 -8.37 2.32
N ARG A 20 -2.42 -8.59 1.78
CA ARG A 20 -2.16 -9.77 0.98
C ARG A 20 -0.79 -10.40 1.26
N PHE A 21 -0.06 -9.88 2.24
CA PHE A 21 1.27 -10.40 2.59
C PHE A 21 1.40 -10.74 4.06
N LEU A 22 2.19 -11.76 4.35
CA LEU A 22 2.49 -12.14 5.73
C LEU A 22 4.02 -12.20 5.91
N VAL A 23 4.54 -11.40 6.81
CA VAL A 23 5.99 -11.30 6.97
C VAL A 23 6.44 -11.82 8.33
N LEU A 24 7.43 -12.71 8.33
CA LEU A 24 7.99 -13.30 9.55
C LEU A 24 9.32 -12.66 9.94
N HIS A 25 9.45 -12.30 11.23
CA HIS A 25 10.65 -11.69 11.78
C HIS A 25 11.14 -12.44 13.01
N TYR A 26 12.42 -12.31 13.33
CA TYR A 26 12.84 -12.64 14.68
C TYR A 26 13.16 -11.36 15.44
N THR A 27 13.04 -11.41 16.76
CA THR A 27 13.21 -10.21 17.59
C THR A 27 14.66 -9.85 17.85
N ALA A 28 15.53 -10.86 17.95
CA ALA A 28 16.93 -10.70 18.34
C ALA A 28 17.08 -10.14 19.76
N LEU A 29 16.07 -10.33 20.61
CA LEU A 29 16.02 -9.73 21.93
C LEU A 29 15.19 -10.66 22.80
N ASP A 30 15.32 -10.60 24.12
CA ASP A 30 14.48 -11.48 24.93
C ASP A 30 13.06 -10.94 25.00
N PHE A 31 12.18 -11.66 25.70
CA PHE A 31 10.77 -11.26 25.78
C PHE A 31 10.56 -9.86 26.34
N ALA A 32 11.19 -9.58 27.48
CA ALA A 32 11.01 -8.28 28.12
C ALA A 32 11.46 -7.16 27.22
N ALA A 33 12.55 -7.36 26.50
CA ALA A 33 13.03 -6.31 25.62
C ALA A 33 12.14 -6.18 24.39
N SER A 34 11.63 -7.30 23.92
CA SER A 34 10.82 -7.30 22.72
C SER A 34 9.52 -6.56 22.94
N VAL A 35 8.82 -6.90 24.02
CA VAL A 35 7.49 -6.34 24.21
C VAL A 35 7.60 -4.86 24.43
N LYS A 36 8.72 -4.45 25.00
CA LYS A 36 8.92 -3.04 25.25
C LYS A 36 9.19 -2.33 23.93
N ALA A 37 10.07 -2.93 23.11
CA ALA A 37 10.50 -2.30 21.86
C ALA A 37 9.39 -2.28 20.81
N LEU A 38 8.50 -3.27 20.85
CA LEU A 38 7.45 -3.36 19.85
C LEU A 38 6.17 -2.64 20.28
N THR A 39 6.12 -2.17 21.52
CA THR A 39 4.92 -1.47 21.98
C THR A 39 5.15 0.01 22.18
N THR A 40 6.35 0.38 22.63
CA THR A 40 6.62 1.80 22.87
C THR A 40 7.80 2.32 22.06
N GLY A 41 8.40 1.45 21.26
CA GLY A 41 9.66 1.76 20.62
C GLY A 41 9.55 2.33 19.22
N ALA A 42 10.53 1.98 18.39
CA ALA A 42 10.62 2.49 17.03
C ALA A 42 9.91 1.60 16.01
N ALA A 43 9.63 0.37 16.39
CA ALA A 43 9.03 -0.60 15.48
C ALA A 43 7.86 -1.25 16.18
N SER A 44 7.10 -2.07 15.45
CA SER A 44 6.07 -2.88 16.10
C SER A 44 5.75 -4.08 15.24
N ALA A 45 4.75 -4.83 15.64
CA ALA A 45 4.36 -5.99 14.87
C ALA A 45 2.94 -6.32 15.24
N HIS A 46 2.23 -7.02 14.36
CA HIS A 46 0.85 -7.39 14.64
C HIS A 46 0.80 -8.43 15.72
N TYR A 47 1.67 -9.43 15.62
CA TYR A 47 1.71 -10.50 16.60
C TYR A 47 3.13 -10.74 17.09
N LEU A 48 3.21 -11.19 18.34
CA LEU A 48 4.47 -11.60 18.95
C LEU A 48 4.34 -13.02 19.47
N ILE A 49 5.28 -13.87 19.09
CA ILE A 49 5.31 -15.23 19.62
C ILE A 49 6.52 -15.38 20.51
N PRO A 50 6.29 -15.45 21.84
CA PRO A 50 7.37 -15.60 22.83
C PRO A 50 8.00 -16.99 22.87
N ALA A 51 9.23 -17.05 23.34
CA ALA A 51 9.91 -18.30 23.58
C ALA A 51 9.76 -18.67 25.07
N PRO A 52 9.03 -19.76 25.35
CA PRO A 52 8.64 -20.12 26.73
C PRO A 52 9.84 -20.36 27.65
N HIS A 53 10.93 -20.87 27.12
CA HIS A 53 12.13 -21.01 27.94
C HIS A 53 12.92 -19.73 27.90
N ASP A 54 12.42 -18.72 28.60
CA ASP A 54 13.02 -17.38 28.63
C ASP A 54 12.71 -16.80 29.99
N PRO A 55 13.74 -16.48 30.77
CA PRO A 55 13.57 -15.86 32.10
C PRO A 55 12.76 -14.56 32.03
N SER A 56 12.95 -13.73 30.99
CA SER A 56 12.14 -12.51 30.80
C SER A 56 10.67 -12.86 30.80
N TYR A 57 10.37 -13.94 30.09
CA TYR A 57 9.01 -14.36 29.86
C TYR A 57 8.38 -14.84 31.15
N LYS A 58 9.00 -15.83 31.77
CA LYS A 58 8.50 -16.38 33.02
C LYS A 58 8.38 -15.26 34.05
N ALA A 59 9.37 -14.37 34.08
CA ALA A 59 9.37 -13.26 35.04
C ALA A 59 8.20 -12.32 34.80
N ALA A 60 7.74 -12.23 33.56
CA ALA A 60 6.65 -11.33 33.23
C ALA A 60 5.30 -11.85 33.72
N GLY A 61 5.26 -13.13 34.12
CA GLY A 61 4.02 -13.74 34.59
C GLY A 61 3.61 -15.01 33.85
N PHE A 62 4.35 -15.34 32.80
CA PHE A 62 3.90 -16.39 31.90
C PHE A 62 4.61 -17.73 32.09
N LYS A 63 4.05 -18.79 31.53
CA LYS A 63 4.71 -20.09 31.56
C LYS A 63 4.56 -20.78 30.22
N GLY A 64 3.35 -21.23 29.91
CA GLY A 64 3.10 -21.89 28.64
C GLY A 64 3.23 -20.98 27.43
N GLN A 65 3.21 -21.59 26.26
CA GLN A 65 3.28 -20.87 25.01
C GLN A 65 2.01 -20.04 24.86
N ARG A 66 2.12 -18.81 24.37
CA ARG A 66 0.94 -18.07 23.90
C ARG A 66 1.22 -17.16 22.72
N ILE A 67 0.17 -16.50 22.22
CA ILE A 67 0.31 -15.62 21.06
C ILE A 67 -0.26 -14.26 21.41
N PHE A 68 0.56 -13.22 21.28
CA PHE A 68 0.15 -11.86 21.64
C PHE A 68 -0.21 -11.02 20.43
N ASN A 69 -1.36 -10.37 20.47
CA ASN A 69 -1.67 -9.35 19.48
C ASN A 69 -1.25 -8.01 20.05
N LEU A 70 -0.51 -7.24 19.25
CA LEU A 70 -0.03 -5.93 19.66
C LEU A 70 -0.70 -4.81 18.86
N VAL A 71 -0.97 -5.10 17.59
CA VAL A 71 -1.64 -4.17 16.68
C VAL A 71 -2.73 -4.96 15.98
N ALA A 72 -3.93 -4.39 15.91
CA ALA A 72 -5.04 -5.02 15.21
C ALA A 72 -4.65 -5.19 13.76
N GLU A 73 -5.09 -6.30 13.15
CA GLU A 73 -4.75 -6.63 11.78
C GLU A 73 -5.06 -5.48 10.83
N GLU A 74 -6.20 -4.84 11.05
CA GLU A 74 -6.62 -3.74 10.18
C GLU A 74 -5.71 -2.53 10.27
N ASP A 75 -4.95 -2.41 11.35
CA ASP A 75 -4.02 -1.29 11.45
C ASP A 75 -2.65 -1.55 10.84
N ARG A 76 -1.80 -0.54 10.83
CA ARG A 76 -0.50 -0.62 10.19
C ARG A 76 0.60 -0.76 11.24
N ALA A 77 1.23 -1.93 11.31
CA ALA A 77 2.31 -2.08 12.27
C ALA A 77 3.59 -1.68 11.56
N TRP A 78 4.64 -1.37 12.32
CA TRP A 78 5.85 -0.82 11.71
C TRP A 78 7.00 -1.84 11.72
N HIS A 79 6.99 -2.74 10.74
CA HIS A 79 7.82 -3.94 10.83
C HIS A 79 8.61 -4.25 9.55
N ALA A 80 8.03 -3.93 8.40
CA ALA A 80 8.67 -4.17 7.11
C ALA A 80 9.75 -3.16 6.78
N GLY A 81 9.50 -1.88 7.09
CA GLY A 81 10.45 -0.82 6.74
C GLY A 81 10.50 -0.71 5.22
N VAL A 82 11.60 -0.16 4.71
CA VAL A 82 11.81 -0.10 3.26
C VAL A 82 11.83 -1.51 2.70
N SER A 83 10.87 -1.83 1.84
CA SER A 83 10.67 -3.22 1.46
C SER A 83 9.90 -3.34 0.14
N GLY A 84 9.86 -4.54 -0.42
CA GLY A 84 9.21 -4.74 -1.70
C GLY A 84 9.03 -6.22 -1.99
N TRP A 85 7.88 -6.55 -2.54
CA TRP A 85 7.59 -7.92 -2.95
C TRP A 85 6.43 -7.91 -3.92
N ALA A 86 6.49 -8.76 -4.95
CA ALA A 86 5.37 -8.94 -5.87
C ALA A 86 4.94 -7.63 -6.50
N ARG A 87 5.88 -6.88 -7.01
CA ARG A 87 5.59 -5.59 -7.63
C ARG A 87 4.95 -4.54 -6.70
N ARG A 88 4.85 -4.85 -5.41
CA ARG A 88 4.43 -3.83 -4.46
C ARG A 88 5.63 -3.37 -3.64
N ASP A 89 5.46 -2.29 -2.88
CA ASP A 89 6.50 -1.78 -1.99
C ASP A 89 5.83 -1.15 -0.79
N ASN A 90 6.63 -0.72 0.19
CA ASN A 90 6.11 -0.24 1.46
C ASN A 90 5.21 -1.29 2.13
N LEU A 91 5.72 -2.50 2.28
CA LEU A 91 4.88 -3.63 2.64
C LEU A 91 4.15 -3.51 3.97
N ASN A 92 4.51 -2.50 4.76
CA ASN A 92 3.75 -2.21 5.97
C ASN A 92 2.31 -1.91 5.66
N ASP A 93 2.06 -1.35 4.49
CA ASP A 93 0.70 -0.94 4.15
C ASP A 93 -0.22 -2.16 3.99
N THR A 94 0.33 -3.22 3.41
CA THR A 94 -0.47 -4.32 2.92
C THR A 94 -0.09 -5.68 3.51
N SER A 95 0.69 -5.68 4.58
CA SER A 95 1.08 -6.93 5.23
C SER A 95 0.69 -6.99 6.70
N ILE A 96 0.79 -8.20 7.24
CA ILE A 96 0.64 -8.45 8.65
C ILE A 96 2.01 -8.93 9.13
N GLY A 97 2.47 -8.45 10.29
CA GLY A 97 3.80 -8.77 10.76
C GLY A 97 3.82 -9.71 11.95
N ILE A 98 4.61 -10.78 11.86
CA ILE A 98 4.74 -11.71 12.99
C ILE A 98 6.18 -11.71 13.50
N GLU A 99 6.35 -11.38 14.78
CA GLU A 99 7.66 -11.38 15.44
C GLU A 99 7.73 -12.60 16.32
N ILE A 100 8.82 -13.34 16.18
CA ILE A 100 9.06 -14.52 16.99
C ILE A 100 10.28 -14.26 17.87
N VAL A 101 10.17 -14.46 19.18
CA VAL A 101 11.34 -14.29 20.05
C VAL A 101 12.38 -15.38 19.81
N ASN A 102 13.60 -14.95 19.49
CA ASN A 102 14.66 -15.84 19.10
C ASN A 102 15.90 -15.00 19.14
N LEU A 103 16.94 -15.51 19.79
CA LEU A 103 18.10 -14.69 20.08
C LEU A 103 19.19 -14.74 19.01
N ALA A 104 18.81 -14.45 17.76
CA ALA A 104 19.76 -14.37 16.64
C ALA A 104 20.77 -13.26 16.85
N ARG A 105 22.03 -13.51 16.46
CA ARG A 105 23.12 -12.59 16.77
C ARG A 105 23.95 -12.21 15.55
N ASP A 106 24.23 -10.92 15.37
CA ASP A 106 25.22 -10.48 14.40
C ASP A 106 26.42 -9.86 15.11
N ASP A 107 27.41 -10.68 15.42
CA ASP A 107 28.66 -10.21 16.01
C ASP A 107 29.49 -9.56 14.91
N ASP A 108 30.10 -10.40 14.10
CA ASP A 108 30.62 -10.02 12.78
C ASP A 108 30.12 -11.16 11.87
N VAL A 110 29.73 -12.25 12.53
CA VAL A 110 29.22 -13.45 11.89
C VAL A 110 27.96 -13.91 12.67
N PHE A 111 27.01 -14.49 11.95
CA PHE A 111 25.67 -14.77 12.50
C PHE A 111 25.50 -16.12 13.20
N THR A 112 25.03 -16.10 14.44
CA THR A 112 24.55 -17.31 15.13
C THR A 112 23.02 -17.32 15.17
N PHE A 113 22.42 -18.36 14.64
CA PHE A 113 20.96 -18.48 14.60
C PHE A 113 20.48 -19.65 15.43
N PRO A 114 20.04 -19.39 16.67
CA PRO A 114 19.55 -20.49 17.52
C PRO A 114 18.20 -21.07 17.06
N ASP A 115 18.01 -22.38 17.24
CA ASP A 115 16.74 -23.04 16.92
C ASP A 115 15.54 -22.36 17.57
N TYR A 116 14.37 -22.53 16.95
CA TYR A 116 13.11 -22.07 17.53
C TYR A 116 12.57 -23.21 18.39
N GLU A 117 11.88 -22.87 19.47
CA GLU A 117 11.28 -23.91 20.31
C GLU A 117 10.14 -24.60 19.58
N ARG A 118 9.88 -25.86 19.91
CA ARG A 118 8.85 -26.59 19.21
C ARG A 118 7.49 -25.92 19.41
N SER A 119 7.22 -25.43 20.62
CA SER A 119 5.94 -24.82 20.90
C SER A 119 5.73 -23.53 20.07
N GLN A 120 6.81 -22.79 19.82
CA GLN A 120 6.71 -21.60 19.00
C GLN A 120 6.26 -21.94 17.59
N ILE A 121 6.85 -22.98 17.04
CA ILE A 121 6.50 -23.39 15.68
C ILE A 121 5.05 -23.81 15.59
N ASN A 122 4.56 -24.51 16.60
CA ASN A 122 3.17 -24.92 16.59
C ASN A 122 2.26 -23.71 16.64
N ALA A 123 2.57 -22.75 17.51
CA ALA A 123 1.81 -21.51 17.61
C ALA A 123 1.82 -20.74 16.28
N LEU A 124 3.01 -20.52 15.73
CA LEU A 124 3.15 -19.94 14.40
C LEU A 124 2.29 -20.64 13.36
N LYS A 125 2.33 -21.97 13.34
CA LYS A 125 1.53 -22.73 12.38
C LYS A 125 0.05 -22.47 12.55
N GLN A 126 -0.38 -22.35 13.80
CA GLN A 126 -1.78 -22.09 14.06
C GLN A 126 -2.15 -20.66 13.66
N LEU A 127 -1.26 -19.72 13.96
CA LEU A 127 -1.51 -18.31 13.68
C LEU A 127 -1.56 -18.05 12.17
N ALA A 128 -0.59 -18.57 11.43
CA ALA A 128 -0.57 -18.43 9.98
C ALA A 128 -1.78 -19.07 9.28
N LYS A 129 -2.20 -20.26 9.71
CA LYS A 129 -3.40 -20.84 9.10
C LYS A 129 -4.59 -19.93 9.35
N ASN A 130 -4.69 -19.42 10.57
CA ASN A 130 -5.80 -18.56 10.91
C ASN A 130 -5.86 -17.35 9.97
N ILE A 131 -4.70 -16.73 9.75
CA ILE A 131 -4.62 -15.56 8.89
C ILE A 131 -4.82 -15.89 7.42
N LEU A 132 -4.16 -16.95 6.96
CA LEU A 132 -4.28 -17.37 5.56
C LEU A 132 -5.71 -17.62 5.11
N GLN A 133 -6.57 -17.99 6.05
CA GLN A 133 -7.95 -18.34 5.69
C GLN A 133 -8.84 -17.12 5.51
N ARG A 134 -8.35 -15.94 5.89
CA ARG A 134 -9.22 -14.76 5.93
C ARG A 134 -8.72 -13.72 4.95
N TYR A 135 -7.63 -14.05 4.26
CA TYR A 135 -7.06 -13.17 3.27
C TYR A 135 -6.81 -13.89 1.95
N PRO A 136 -7.86 -14.00 1.11
CA PRO A 136 -7.87 -14.72 -0.16
C PRO A 136 -6.70 -14.44 -1.10
N ASP A 137 -6.18 -13.21 -1.15
CA ASP A 137 -5.07 -12.90 -2.06
C ASP A 137 -3.72 -13.12 -1.38
N MET A 138 -3.76 -13.62 -0.14
CA MET A 138 -2.52 -14.01 0.54
C MET A 138 -2.13 -15.43 0.12
N THR A 139 -1.71 -15.52 -1.14
CA THR A 139 -1.31 -16.74 -1.82
C THR A 139 0.04 -17.24 -1.29
N PRO A 140 0.43 -18.49 -1.60
CA PRO A 140 1.57 -19.06 -0.89
C PRO A 140 2.90 -18.30 -1.05
N LYS A 141 3.18 -17.73 -2.22
CA LYS A 141 4.40 -16.95 -2.37
C LYS A 141 4.38 -15.70 -1.49
N ASN A 142 3.21 -15.35 -0.97
CA ASN A 142 3.08 -14.12 -0.21
C ASN A 142 3.32 -14.22 1.29
N VAL A 143 3.63 -15.44 1.76
CA VAL A 143 4.16 -15.64 3.09
C VAL A 143 5.69 -15.59 2.99
N VAL A 144 6.28 -14.48 3.40
CA VAL A 144 7.70 -14.25 3.17
C VAL A 144 8.45 -13.92 4.46
N GLY A 145 9.77 -14.10 4.44
CA GLY A 145 10.59 -13.60 5.52
C GLY A 145 10.97 -12.15 5.31
N HIS A 146 11.29 -11.45 6.38
CA HIS A 146 11.71 -10.06 6.29
C HIS A 146 12.86 -9.93 5.32
N SER A 147 13.69 -10.96 5.26
CA SER A 147 14.87 -10.98 4.43
C SER A 147 14.53 -11.21 2.95
N ASP A 148 13.30 -11.62 2.67
CA ASP A 148 12.88 -11.74 1.28
C ASP A 148 12.49 -10.37 0.71
N ILE A 149 12.00 -9.50 1.59
CA ILE A 149 11.44 -8.25 1.13
C ILE A 149 12.40 -7.08 1.31
N ALA A 150 13.33 -7.19 2.25
CA ALA A 150 14.40 -6.21 2.40
C ALA A 150 15.76 -6.87 2.18
N VAL A 151 16.03 -7.29 0.95
CA VAL A 151 17.23 -8.04 0.62
C VAL A 151 18.54 -7.31 0.99
N GLY A 152 19.39 -7.98 1.76
CA GLY A 152 20.67 -7.43 2.14
C GLY A 152 20.61 -6.57 3.39
N ARG A 153 19.40 -6.14 3.75
CA ARG A 153 19.18 -5.32 4.92
C ARG A 153 18.82 -6.17 6.14
N LYS A 154 18.26 -7.35 5.91
CA LYS A 154 17.72 -8.16 6.99
C LYS A 154 18.05 -9.63 6.83
N SER A 155 18.15 -10.35 7.94
CA SER A 155 18.46 -11.78 7.91
C SER A 155 17.47 -12.58 8.75
N ASP A 156 16.26 -12.08 8.88
CA ASP A 156 15.23 -12.80 9.62
C ASP A 156 14.11 -13.29 8.70
N PRO A 157 13.48 -14.43 9.04
CA PRO A 157 13.62 -15.22 10.27
C PRO A 157 14.79 -16.21 10.28
N GLY A 158 15.66 -16.14 9.27
CA GLY A 158 16.84 -16.98 9.27
C GLY A 158 16.62 -18.45 8.95
N PRO A 159 17.72 -19.22 8.92
CA PRO A 159 17.77 -20.62 8.49
C PRO A 159 17.16 -21.63 9.45
N LYS A 160 16.85 -21.20 10.66
CA LYS A 160 16.23 -22.12 11.60
C LYS A 160 14.71 -22.11 11.49
N LEU A 161 14.17 -21.19 10.68
CA LEU A 161 12.74 -21.16 10.46
C LEU A 161 12.37 -22.32 9.53
N PRO A 162 11.52 -23.23 10.01
CA PRO A 162 11.18 -24.47 9.27
C PRO A 162 10.14 -24.25 8.17
N TRP A 163 10.56 -23.64 7.08
CA TRP A 163 9.64 -23.28 6.01
C TRP A 163 8.90 -24.49 5.43
N LYS A 164 9.65 -25.56 5.11
CA LYS A 164 9.05 -26.80 4.59
C LYS A 164 7.98 -27.29 5.54
N GLU A 165 8.29 -27.24 6.83
CA GLU A 165 7.31 -27.67 7.81
C GLU A 165 6.02 -26.86 7.71
N LEU A 166 6.13 -25.56 7.48
CA LEU A 166 4.93 -24.72 7.40
C LEU A 166 4.20 -25.01 6.11
N TYR A 167 4.97 -25.19 5.03
CA TYR A 167 4.40 -25.55 3.74
C TYR A 167 3.52 -26.80 3.85
N GLU A 168 4.02 -27.83 4.54
CA GLU A 168 3.25 -29.03 4.83
C GLU A 168 1.97 -28.74 5.62
N ALA A 169 1.99 -27.67 6.42
CA ALA A 169 0.78 -27.26 7.13
C ALA A 169 -0.14 -26.42 6.24
N GLY A 170 0.31 -26.14 5.01
CA GLY A 170 -0.50 -25.39 4.06
C GLY A 170 -0.21 -23.91 4.12
N ILE A 171 0.97 -23.58 4.67
CA ILE A 171 1.43 -22.20 4.84
C ILE A 171 2.71 -21.91 4.05
N GLY A 172 2.58 -21.12 2.99
CA GLY A 172 3.76 -20.69 2.25
C GLY A 172 4.14 -21.59 1.09
N ALA A 173 4.96 -21.06 0.21
CA ALA A 173 5.36 -21.79 -1.00
C ALA A 173 6.50 -22.76 -0.75
N TRP A 174 6.43 -23.92 -1.41
CA TRP A 174 7.57 -24.81 -1.48
C TRP A 174 7.51 -25.61 -2.79
N TYR A 175 8.64 -26.17 -3.20
CA TYR A 175 8.74 -26.79 -4.51
C TYR A 175 8.43 -28.27 -4.43
N ASP A 176 8.17 -28.87 -5.59
CA ASP A 176 8.07 -30.32 -5.70
C ASP A 176 9.46 -30.89 -5.94
N ASP A 177 9.81 -31.95 -5.22
CA ASP A 177 11.13 -32.55 -5.34
C ASP A 177 11.45 -33.00 -6.76
N ALA A 178 10.51 -33.65 -7.42
CA ALA A 178 10.72 -34.09 -8.80
C ALA A 178 11.04 -32.89 -9.70
N THR A 179 10.26 -31.82 -9.55
CA THR A 179 10.48 -30.63 -10.36
C THR A 179 11.86 -30.00 -10.15
N ARG A 180 12.34 -29.95 -8.92
CA ARG A 180 13.69 -29.44 -8.66
C ARG A 180 14.74 -30.29 -9.37
N ASP A 181 14.66 -31.61 -9.19
CA ASP A 181 15.63 -32.54 -9.77
C ASP A 181 15.62 -32.43 -11.29
N ARG A 182 14.42 -32.27 -11.84
CA ARG A 182 14.24 -32.06 -13.26
C ARG A 182 15.00 -30.81 -13.73
N TYR A 183 14.90 -29.71 -12.98
CA TYR A 183 15.62 -28.50 -13.34
C TYR A 183 17.11 -28.63 -13.10
N ARG A 184 17.51 -29.34 -12.04
CA ARG A 184 18.95 -29.41 -11.77
C ARG A 184 19.60 -30.29 -12.82
N GLU A 185 18.91 -31.36 -13.22
CA GLU A 185 19.33 -32.19 -14.34
C GLU A 185 19.60 -31.34 -15.58
N GLY A 186 18.62 -30.53 -16.00
CA GLY A 186 18.78 -29.63 -17.13
C GLY A 186 19.93 -28.66 -17.04
N PHE A 187 20.10 -28.01 -15.89
CA PHE A 187 21.17 -27.03 -15.71
C PHE A 187 22.53 -27.70 -15.72
N GLU A 188 22.56 -28.95 -15.27
CA GLU A 188 23.81 -29.69 -15.14
C GLU A 188 24.36 -30.06 -16.49
N ARG A 189 23.49 -30.22 -17.47
CA ARG A 189 23.93 -30.65 -18.78
C ARG A 189 23.84 -29.59 -19.87
N ASP A 190 23.33 -28.42 -19.51
CA ASP A 190 23.02 -27.31 -20.39
C ASP A 190 23.76 -26.07 -19.90
N GLY A 191 24.23 -26.15 -18.67
CA GLY A 191 24.81 -25.01 -18.00
C GLY A 191 23.75 -24.12 -17.38
N LEU A 192 24.14 -23.42 -16.34
CA LEU A 192 23.29 -22.42 -15.68
C LEU A 192 22.98 -21.25 -16.63
N PRO A 193 21.78 -20.67 -16.51
CA PRO A 193 21.44 -19.42 -17.21
C PRO A 193 22.38 -18.28 -16.84
N PRO A 194 22.49 -17.27 -17.71
CA PRO A 194 23.28 -16.07 -17.38
C PRO A 194 22.62 -15.25 -16.27
N ARG A 195 23.40 -14.49 -15.51
CA ARG A 195 22.89 -13.61 -14.47
C ARG A 195 21.58 -12.92 -14.86
N ALA A 196 21.58 -12.31 -16.04
CA ALA A 196 20.44 -11.56 -16.53
C ALA A 196 19.15 -12.35 -16.47
N ASP A 197 19.19 -13.60 -16.95
CA ASP A 197 18.01 -14.45 -16.91
C ASP A 197 17.70 -14.92 -15.51
N LEU A 198 18.73 -15.19 -14.73
CA LEU A 198 18.56 -15.57 -13.34
C LEU A 198 17.79 -14.47 -12.60
N LEU A 199 18.26 -13.23 -12.71
CA LEU A 199 17.62 -12.10 -12.05
C LEU A 199 16.16 -11.97 -12.42
N GLU A 200 15.88 -12.14 -13.71
CA GLU A 200 14.52 -12.11 -14.19
C GLU A 200 13.69 -13.14 -13.46
N ALA A 201 14.32 -14.28 -13.18
CA ALA A 201 13.63 -15.38 -12.52
C ALA A 201 13.32 -15.01 -11.08
N PHE A 202 14.27 -14.37 -10.41
CA PHE A 202 14.03 -13.87 -9.06
C PHE A 202 12.92 -12.83 -9.03
N ARG A 203 12.95 -11.88 -9.96
CA ARG A 203 11.85 -10.93 -10.09
C ARG A 203 10.56 -11.69 -10.21
N LEU A 204 10.53 -12.63 -11.16
CA LEU A 204 9.34 -13.39 -11.44
C LEU A 204 8.77 -14.01 -10.17
N TYR A 205 9.64 -14.61 -9.38
CA TYR A 205 9.17 -15.24 -8.16
C TYR A 205 8.57 -14.20 -7.25
N GLY A 206 9.25 -13.05 -7.13
CA GLY A 206 8.70 -11.97 -6.34
C GLY A 206 9.67 -10.90 -5.84
N TYR A 207 10.96 -11.20 -5.80
CA TYR A 207 11.97 -10.29 -5.27
C TYR A 207 11.93 -8.92 -5.95
N ALA A 208 12.11 -7.86 -5.15
CA ALA A 208 12.11 -6.48 -5.64
C ALA A 208 13.51 -6.10 -6.03
N LEU A 209 13.86 -6.28 -7.29
CA LEU A 209 15.22 -6.00 -7.71
C LEU A 209 15.49 -4.53 -8.07
N PRO A 210 16.63 -4.02 -7.61
CA PRO A 210 17.18 -2.71 -7.97
C PRO A 210 17.47 -2.60 -9.46
N ALA A 211 17.65 -1.36 -9.91
CA ALA A 211 17.89 -1.04 -11.32
C ALA A 211 19.09 -1.77 -11.88
N THR A 212 20.13 -1.86 -11.06
CA THR A 212 21.37 -2.56 -11.41
C THR A 212 21.81 -3.45 -10.24
N VAL A 213 22.45 -4.59 -10.52
CA VAL A 213 22.92 -5.43 -9.41
C VAL A 213 24.44 -5.59 -9.31
N ASP A 214 24.97 -5.36 -8.11
CA ASP A 214 26.36 -5.65 -7.75
C ASP A 214 26.62 -7.14 -7.70
N ASP A 215 27.90 -7.52 -7.69
CA ASP A 215 28.28 -8.87 -7.24
C ASP A 215 27.80 -8.99 -5.82
N ALA A 216 27.95 -7.90 -5.07
CA ALA A 216 27.60 -7.85 -3.65
C ALA A 216 26.10 -8.05 -3.40
N TYR A 217 25.28 -7.36 -4.17
CA TYR A 217 23.84 -7.50 -4.00
C TYR A 217 23.41 -8.90 -4.44
N PHE A 218 23.92 -9.35 -5.58
CA PHE A 218 23.58 -10.66 -6.10
C PHE A 218 23.87 -11.73 -5.05
N ALA A 219 25.03 -11.63 -4.42
CA ALA A 219 25.37 -12.53 -3.32
C ALA A 219 24.32 -12.52 -2.23
N SER A 220 23.96 -11.33 -1.75
CA SER A 220 23.01 -11.24 -0.67
C SER A 220 21.60 -11.61 -1.11
N LEU A 221 21.30 -11.47 -2.39
CA LEU A 221 20.05 -12.00 -2.93
C LEU A 221 20.02 -13.53 -2.80
N LEU A 222 21.10 -14.17 -3.24
CA LEU A 222 21.21 -15.62 -3.15
C LEU A 222 21.18 -16.03 -1.69
N ARG A 223 21.90 -15.29 -0.84
CA ARG A 223 21.93 -15.61 0.58
C ARG A 223 20.53 -15.57 1.21
N ALA A 224 19.72 -14.65 0.73
CA ALA A 224 18.38 -14.46 1.27
C ALA A 224 17.52 -15.63 0.86
N PHE A 225 17.64 -15.98 -0.42
CA PHE A 225 16.80 -16.98 -1.04
C PHE A 225 17.17 -18.33 -0.47
N GLN A 226 18.48 -18.53 -0.27
CA GLN A 226 18.98 -19.73 0.35
C GLN A 226 18.48 -19.90 1.80
N MET A 227 18.50 -18.83 2.59
CA MET A 227 18.03 -18.92 3.98
C MET A 227 16.60 -19.43 4.05
N HIS A 228 15.82 -19.12 3.03
CA HIS A 228 14.43 -19.52 2.99
C HIS A 228 14.26 -20.91 2.39
N PHE A 229 14.88 -21.15 1.23
CA PHE A 229 14.58 -22.32 0.41
C PHE A 229 15.72 -23.36 0.24
N ARG A 230 16.92 -23.05 0.72
CA ARG A 230 18.01 -24.02 0.70
C ARG A 230 18.89 -23.76 1.92
N PRO A 231 18.31 -23.90 3.12
CA PRO A 231 18.96 -23.41 4.34
C PRO A 231 20.23 -24.18 4.69
N GLU A 232 20.44 -25.32 4.05
CA GLU A 232 21.59 -26.16 4.35
C GLU A 232 22.89 -25.51 3.88
N ASN A 233 22.78 -24.47 3.07
CA ASN A 233 23.95 -23.69 2.68
C ASN A 233 23.51 -22.35 2.13
N TYR A 234 23.81 -21.29 2.87
CA TYR A 234 23.37 -19.95 2.50
C TYR A 234 24.55 -18.99 2.41
N ASP A 235 25.63 -19.48 1.81
CA ASP A 235 26.83 -18.66 1.61
C ASP A 235 26.64 -17.59 0.53
N GLY A 236 25.55 -17.68 -0.22
CA GLY A 236 25.27 -16.72 -1.28
C GLY A 236 25.95 -16.99 -2.61
N ALA A 237 26.54 -18.17 -2.75
CA ALA A 237 27.23 -18.56 -3.98
C ALA A 237 26.28 -19.26 -4.97
N LEU A 238 26.46 -19.00 -6.26
CA LEU A 238 25.59 -19.63 -7.25
C LEU A 238 25.99 -21.07 -7.53
N ASP A 239 25.05 -21.99 -7.27
CA ASP A 239 25.24 -23.40 -7.59
C ASP A 239 23.97 -23.91 -8.28
N VAL A 240 24.00 -25.14 -8.79
CA VAL A 240 22.88 -25.55 -9.62
C VAL A 240 21.64 -25.80 -8.78
N GLU A 241 21.82 -26.16 -7.51
CA GLU A 241 20.67 -26.50 -6.69
C GLU A 241 19.80 -25.28 -6.46
N THR A 242 20.43 -24.20 -6.02
CA THR A 242 19.72 -22.94 -5.78
C THR A 242 18.92 -22.51 -7.01
N ALA A 243 19.58 -22.47 -8.17
CA ALA A 243 18.91 -22.11 -9.42
C ALA A 243 17.77 -23.07 -9.73
N ALA A 244 18.00 -24.36 -9.49
CA ALA A 244 16.98 -25.37 -9.76
C ALA A 244 15.77 -25.19 -8.87
N ILE A 245 16.03 -24.91 -7.60
CA ILE A 245 14.95 -24.69 -6.64
C ILE A 245 14.13 -23.48 -7.06
N LEU A 246 14.80 -22.41 -7.50
CA LEU A 246 14.12 -21.18 -7.95
C LEU A 246 13.22 -21.45 -9.12
N TYR A 247 13.77 -22.15 -10.12
CA TYR A 247 13.05 -22.43 -11.36
C TYR A 247 11.91 -23.38 -11.06
N ALA A 248 12.16 -24.26 -10.09
CA ALA A 248 11.15 -25.22 -9.64
C ALA A 248 10.00 -24.48 -9.01
N LEU A 249 10.33 -23.46 -8.22
CA LEU A 249 9.31 -22.64 -7.57
C LEU A 249 8.47 -21.89 -8.60
N ASN A 250 9.14 -21.23 -9.54
CA ASN A 250 8.44 -20.46 -10.56
C ASN A 250 7.45 -21.30 -11.36
N GLU A 251 7.82 -22.53 -11.70
CA GLU A 251 6.93 -23.43 -12.44
C GLU A 251 5.71 -23.84 -11.63
N LYS A 252 5.91 -24.13 -10.36
CA LYS A 252 4.78 -24.55 -9.53
C LYS A 252 3.83 -23.40 -9.25
N TYR A 253 4.40 -22.22 -9.03
CA TYR A 253 3.62 -21.02 -8.72
C TYR A 253 3.79 -19.90 -9.77
N PRO A 254 3.16 -20.05 -10.94
CA PRO A 254 3.31 -19.04 -12.00
C PRO A 254 2.60 -17.69 -11.75
N ALA A 255 2.17 -17.42 -10.53
CA ALA A 255 1.48 -16.17 -10.23
C ALA A 255 2.41 -14.95 -10.23
N MET B 1 -5.70 -25.79 21.87
CA MET B 1 -5.21 -24.76 20.96
C MET B 1 -5.15 -23.41 21.68
N LEU B 2 -4.33 -22.50 21.14
CA LEU B 2 -4.09 -21.18 21.75
C LEU B 2 -5.13 -20.13 21.39
N THR B 3 -5.58 -19.38 22.39
CA THR B 3 -6.39 -18.21 22.11
C THR B 3 -5.46 -17.00 22.07
N ILE B 4 -5.64 -16.14 21.08
CA ILE B 4 -4.77 -14.99 20.92
C ILE B 4 -4.96 -14.03 22.10
N ASP B 5 -3.87 -13.43 22.57
CA ASP B 5 -3.94 -12.50 23.70
C ASP B 5 -3.98 -11.07 23.23
N TYR B 6 -5.13 -10.41 23.39
CA TYR B 6 -5.28 -9.02 22.97
C TYR B 6 -5.24 -8.05 24.13
N ASN B 7 -4.80 -8.48 25.30
CA ASN B 7 -4.93 -7.61 26.47
C ASN B 7 -3.65 -7.34 27.22
N SER B 8 -2.70 -8.25 27.11
CA SER B 8 -1.53 -8.17 27.97
C SER B 8 -0.61 -7.05 27.53
N TYR B 9 -0.59 -6.78 26.22
CA TYR B 9 0.24 -5.70 25.70
C TYR B 9 -0.44 -5.03 24.52
N ARG B 10 -0.31 -3.71 24.43
CA ARG B 10 -0.87 -2.97 23.30
C ARG B 10 0.15 -1.96 22.82
N THR B 11 0.34 -1.88 21.51
CA THR B 11 1.27 -0.91 20.97
C THR B 11 0.66 0.47 21.09
N THR B 12 1.47 1.45 21.47
CA THR B 12 1.00 2.82 21.59
C THR B 12 1.58 3.71 20.51
N THR B 13 2.84 4.09 20.63
CA THR B 13 3.40 5.03 19.66
C THR B 13 3.66 4.47 18.25
N PRO B 14 4.48 3.41 18.12
CA PRO B 14 4.95 3.08 16.77
C PRO B 14 3.97 2.31 15.89
N TYR B 15 2.79 2.86 15.66
CA TYR B 15 1.89 2.25 14.70
C TYR B 15 0.96 3.30 14.05
N GLY B 16 0.15 2.88 13.08
CA GLY B 16 -0.77 3.79 12.43
C GLY B 16 -1.97 3.14 11.80
N LYS B 17 -2.55 3.84 10.84
CA LYS B 17 -3.66 3.27 10.07
C LYS B 17 -3.10 2.85 8.73
N ARG B 18 -3.81 1.97 8.04
CA ARG B 18 -3.39 1.57 6.72
C ARG B 18 -3.72 2.65 5.69
N VAL B 19 -4.87 3.29 5.90
CA VAL B 19 -5.39 4.31 5.00
C VAL B 19 -4.83 5.69 5.36
N ARG B 20 -4.42 6.44 4.34
CA ARG B 20 -3.89 7.79 4.56
C ARG B 20 -4.26 8.75 3.42
N PHE B 21 -5.01 8.27 2.43
CA PHE B 21 -5.36 9.02 1.24
C PHE B 21 -6.85 8.97 1.03
N LEU B 22 -7.42 10.07 0.55
CA LEU B 22 -8.84 10.10 0.25
C LEU B 22 -9.02 10.57 -1.19
N VAL B 23 -9.59 9.74 -2.05
CA VAL B 23 -9.67 10.03 -3.48
C VAL B 23 -11.09 10.34 -3.98
N LEU B 24 -11.24 11.43 -4.74
CA LEU B 24 -12.54 11.86 -5.27
C LEU B 24 -12.74 11.52 -6.76
N HIS B 25 -13.91 10.98 -7.08
CA HIS B 25 -14.25 10.56 -8.44
C HIS B 25 -15.61 11.11 -8.90
N TYR B 26 -15.77 11.35 -10.21
CA TYR B 26 -17.12 11.43 -10.78
C TYR B 26 -17.45 10.10 -11.48
N THR B 27 -18.72 9.74 -11.53
CA THR B 27 -19.13 8.45 -12.09
C THR B 27 -19.28 8.48 -13.60
N ALA B 28 -19.60 9.65 -14.15
CA ALA B 28 -19.90 9.79 -15.58
C ALA B 28 -21.00 8.84 -16.03
N LEU B 29 -21.86 8.42 -15.11
CA LEU B 29 -23.04 7.65 -15.45
C LEU B 29 -24.14 8.13 -14.54
N ASP B 30 -25.39 7.88 -14.92
CA ASP B 30 -26.50 8.19 -14.02
C ASP B 30 -26.48 7.20 -12.86
N PHE B 31 -27.34 7.43 -11.87
CA PHE B 31 -27.33 6.65 -10.65
C PHE B 31 -27.41 5.16 -10.87
N ALA B 32 -28.40 4.73 -11.65
CA ALA B 32 -28.65 3.31 -11.86
C ALA B 32 -27.49 2.61 -12.51
N ALA B 33 -26.86 3.25 -13.49
CA ALA B 33 -25.73 2.63 -14.15
C ALA B 33 -24.50 2.65 -13.23
N SER B 34 -24.51 3.56 -12.27
CA SER B 34 -23.41 3.67 -11.32
C SER B 34 -23.40 2.56 -10.27
N VAL B 35 -24.50 2.38 -9.54
CA VAL B 35 -24.57 1.32 -8.54
C VAL B 35 -24.23 -0.01 -9.15
N LYS B 36 -24.89 -0.35 -10.25
CA LYS B 36 -24.65 -1.60 -10.95
C LYS B 36 -23.16 -1.74 -11.25
N ALA B 37 -22.59 -0.73 -11.91
CA ALA B 37 -21.16 -0.73 -12.23
C ALA B 37 -20.24 -0.89 -11.02
N LEU B 38 -20.54 -0.18 -9.94
CA LEU B 38 -19.70 -0.18 -8.75
C LEU B 38 -19.99 -1.30 -7.75
N THR B 39 -20.95 -2.16 -8.05
CA THR B 39 -21.21 -3.27 -7.14
C THR B 39 -20.98 -4.63 -7.81
N THR B 40 -21.30 -4.73 -9.10
CA THR B 40 -21.21 -6.01 -9.78
C THR B 40 -20.25 -5.97 -10.96
N GLY B 41 -19.61 -4.83 -11.15
CA GLY B 41 -18.81 -4.61 -12.33
C GLY B 41 -17.33 -4.85 -12.13
N ALA B 42 -16.52 -3.98 -12.72
CA ALA B 42 -15.07 -4.12 -12.73
C ALA B 42 -14.37 -3.06 -11.89
N ALA B 43 -15.16 -2.26 -11.17
CA ALA B 43 -14.63 -1.20 -10.32
C ALA B 43 -15.59 -0.94 -9.19
N SER B 44 -15.08 -0.54 -8.04
CA SER B 44 -15.92 -0.17 -6.92
C SER B 44 -15.41 1.11 -6.25
N ALA B 45 -16.06 1.53 -5.18
CA ALA B 45 -15.63 2.66 -4.39
C ALA B 45 -16.22 2.48 -3.01
N HIS B 46 -15.65 3.13 -2.01
CA HIS B 46 -16.17 2.99 -0.65
C HIS B 46 -17.49 3.69 -0.48
N TYR B 47 -17.62 4.84 -1.14
CA TYR B 47 -18.85 5.62 -1.02
C TYR B 47 -19.37 6.09 -2.37
N LEU B 48 -20.70 6.17 -2.47
CA LEU B 48 -21.33 6.64 -3.68
C LEU B 48 -22.31 7.71 -3.28
N ILE B 49 -22.00 8.95 -3.67
CA ILE B 49 -22.85 10.09 -3.40
C ILE B 49 -23.75 10.41 -4.60
N PRO B 50 -25.03 10.04 -4.51
CA PRO B 50 -25.94 10.22 -5.64
C PRO B 50 -26.38 11.67 -5.85
N ALA B 51 -26.78 12.00 -7.07
CA ALA B 51 -27.40 13.30 -7.36
C ALA B 51 -28.92 13.13 -7.30
N PRO B 52 -29.56 13.83 -6.34
CA PRO B 52 -30.99 13.65 -6.04
C PRO B 52 -31.94 13.93 -7.21
N HIS B 53 -31.50 14.76 -8.16
CA HIS B 53 -32.30 15.08 -9.33
C HIS B 53 -31.88 14.22 -10.48
N ASP B 54 -31.97 12.92 -10.27
CA ASP B 54 -31.56 11.96 -11.27
C ASP B 54 -32.78 11.07 -11.46
N PRO B 55 -33.37 11.11 -12.67
CA PRO B 55 -34.60 10.36 -12.87
C PRO B 55 -34.51 8.88 -12.45
N SER B 56 -33.35 8.24 -12.62
CA SER B 56 -33.27 6.84 -12.16
C SER B 56 -32.95 6.71 -10.68
N TYR B 57 -32.46 7.78 -10.07
CA TYR B 57 -32.34 7.81 -8.62
C TYR B 57 -33.75 7.77 -8.01
N LYS B 58 -34.68 8.50 -8.62
CA LYS B 58 -36.08 8.44 -8.18
C LYS B 58 -36.72 7.11 -8.58
N ALA B 59 -36.38 6.64 -9.78
CA ALA B 59 -36.91 5.38 -10.30
C ALA B 59 -36.53 4.17 -9.43
N ALA B 60 -35.43 4.28 -8.68
CA ALA B 60 -34.97 3.18 -7.85
C ALA B 60 -35.66 3.20 -6.50
N GLY B 61 -36.33 4.30 -6.19
CA GLY B 61 -37.09 4.39 -4.97
C GLY B 61 -36.65 5.52 -4.07
N PHE B 62 -35.56 6.19 -4.43
CA PHE B 62 -34.99 7.18 -3.53
C PHE B 62 -35.58 8.57 -3.75
N LYS B 63 -35.43 9.42 -2.74
CA LYS B 63 -36.08 10.72 -2.69
C LYS B 63 -35.03 11.81 -2.48
N GLY B 64 -34.62 12.02 -1.23
CA GLY B 64 -33.65 13.05 -0.91
C GLY B 64 -32.21 12.58 -1.03
N GLN B 65 -31.29 13.45 -0.63
CA GLN B 65 -29.87 13.13 -0.68
C GLN B 65 -29.48 12.09 0.36
N ARG B 66 -28.67 11.12 -0.03
CA ARG B 66 -28.04 10.24 0.96
C ARG B 66 -26.60 9.89 0.58
N ILE B 67 -25.94 9.09 1.43
CA ILE B 67 -24.59 8.59 1.17
C ILE B 67 -24.57 7.06 1.26
N PHE B 68 -24.10 6.41 0.21
CA PHE B 68 -24.12 4.95 0.19
C PHE B 68 -22.75 4.38 0.46
N ASN B 69 -22.68 3.44 1.40
CA ASN B 69 -21.44 2.70 1.57
C ASN B 69 -21.48 1.41 0.75
N LEU B 70 -20.51 1.23 -0.12
CA LEU B 70 -20.49 0.06 -0.99
C LEU B 70 -19.51 -1.02 -0.51
N VAL B 71 -18.33 -0.57 -0.11
CA VAL B 71 -17.32 -1.42 0.47
C VAL B 71 -16.95 -0.84 1.84
N ALA B 72 -16.67 -1.69 2.82
CA ALA B 72 -16.26 -1.24 4.14
C ALA B 72 -14.90 -0.58 4.04
N GLU B 73 -14.66 0.40 4.91
CA GLU B 73 -13.48 1.22 4.83
C GLU B 73 -12.22 0.40 5.01
N GLU B 74 -12.32 -0.66 5.81
CA GLU B 74 -11.19 -1.51 6.08
C GLU B 74 -10.84 -2.40 4.89
N ASP B 75 -11.74 -2.47 3.90
CA ASP B 75 -11.51 -3.27 2.71
C ASP B 75 -11.05 -2.45 1.52
N ARG B 76 -10.51 -3.13 0.52
CA ARG B 76 -9.92 -2.52 -0.65
C ARG B 76 -10.97 -2.40 -1.74
N ALA B 77 -11.39 -1.18 -2.05
CA ALA B 77 -12.27 -0.98 -3.21
C ALA B 77 -11.39 -0.73 -4.44
N TRP B 78 -11.90 -1.04 -5.62
CA TRP B 78 -11.10 -0.84 -6.84
C TRP B 78 -11.53 0.42 -7.57
N HIS B 79 -10.83 1.53 -7.29
CA HIS B 79 -11.25 2.84 -7.75
C HIS B 79 -10.10 3.66 -8.30
N ALA B 80 -8.87 3.36 -7.87
CA ALA B 80 -7.72 4.19 -8.23
C ALA B 80 -6.95 3.67 -9.44
N GLY B 81 -7.03 2.37 -9.68
CA GLY B 81 -6.24 1.74 -10.73
C GLY B 81 -4.77 2.05 -10.55
N VAL B 82 -4.06 2.11 -11.66
CA VAL B 82 -2.64 2.49 -11.68
C VAL B 82 -2.51 3.94 -11.25
N SER B 83 -1.94 4.17 -10.07
CA SER B 83 -1.85 5.50 -9.49
C SER B 83 -0.62 5.72 -8.60
N GLY B 84 -0.32 6.98 -8.33
CA GLY B 84 0.77 7.36 -7.46
C GLY B 84 0.48 8.68 -6.76
N TRP B 85 1.11 8.90 -5.60
CA TRP B 85 1.00 10.13 -4.83
C TRP B 85 1.90 10.03 -3.63
N ALA B 86 2.60 11.12 -3.32
CA ALA B 86 3.45 11.20 -2.13
C ALA B 86 4.30 9.93 -2.00
N ARG B 87 4.99 9.61 -3.09
CA ARG B 87 5.94 8.51 -3.11
C ARG B 87 5.34 7.11 -2.83
N ARG B 88 4.01 6.99 -2.91
CA ARG B 88 3.36 5.69 -2.85
C ARG B 88 2.66 5.44 -4.18
N ASP B 89 2.43 4.17 -4.48
CA ASP B 89 1.70 3.77 -5.68
C ASP B 89 0.68 2.73 -5.30
N ASN B 90 -0.04 2.21 -6.28
CA ASN B 90 -1.09 1.23 -6.02
C ASN B 90 -2.05 1.73 -4.94
N LEU B 91 -2.52 2.95 -5.13
CA LEU B 91 -3.26 3.70 -4.12
C LEU B 91 -4.55 3.06 -3.64
N ASN B 92 -5.11 2.12 -4.40
CA ASN B 92 -6.25 1.35 -3.91
C ASN B 92 -5.94 0.80 -2.53
N ASP B 93 -4.69 0.38 -2.36
CA ASP B 93 -4.25 -0.22 -1.12
C ASP B 93 -4.43 0.69 0.09
N THR B 94 -4.02 1.94 -0.05
CA THR B 94 -3.98 2.83 1.09
C THR B 94 -4.99 3.98 1.09
N SER B 95 -6.10 3.82 0.36
CA SER B 95 -7.05 4.92 0.23
C SER B 95 -8.52 4.56 0.39
N ILE B 96 -9.32 5.55 0.73
CA ILE B 96 -10.76 5.41 0.67
C ILE B 96 -11.24 6.20 -0.56
N GLY B 97 -12.11 5.60 -1.37
CA GLY B 97 -12.59 6.24 -2.59
C GLY B 97 -14.03 6.72 -2.51
N ILE B 98 -14.26 7.98 -2.85
CA ILE B 98 -15.62 8.50 -2.94
C ILE B 98 -16.03 8.71 -4.40
N GLU B 99 -17.09 8.03 -4.81
CA GLU B 99 -17.66 8.23 -6.14
C GLU B 99 -18.84 9.18 -6.07
N ILE B 100 -18.83 10.22 -6.91
CA ILE B 100 -19.94 11.16 -6.99
C ILE B 100 -20.68 11.01 -8.32
N VAL B 101 -22.00 10.78 -8.23
CA VAL B 101 -22.85 10.75 -9.42
C VAL B 101 -22.90 12.11 -10.11
N ASN B 102 -22.42 12.13 -11.34
CA ASN B 102 -22.32 13.37 -12.07
C ASN B 102 -22.10 13.08 -13.55
N LEU B 103 -22.90 13.71 -14.40
CA LEU B 103 -22.89 13.40 -15.81
C LEU B 103 -21.74 14.07 -16.56
N ALA B 104 -20.56 14.08 -15.93
CA ALA B 104 -19.36 14.56 -16.59
C ALA B 104 -19.11 13.70 -17.82
N ARG B 105 -18.49 14.28 -18.85
CA ARG B 105 -18.47 13.62 -20.14
C ARG B 105 -17.51 14.29 -21.12
N ASP B 106 -16.99 13.54 -22.09
CA ASP B 106 -17.11 12.09 -22.18
C ASP B 106 -15.96 11.69 -23.06
N ASP B 107 -15.25 12.71 -23.51
CA ASP B 107 -14.37 12.64 -24.68
C ASP B 107 -15.16 12.42 -25.96
N ASP B 108 -15.96 13.42 -26.31
CA ASP B 108 -16.52 13.55 -27.65
C ASP B 108 -15.42 14.19 -28.51
N GLY B 109 -14.17 13.93 -28.13
CA GLY B 109 -13.05 14.78 -28.48
C GLY B 109 -12.97 15.88 -27.43
N VAL B 110 -14.14 16.39 -27.07
CA VAL B 110 -14.27 17.52 -26.15
C VAL B 110 -14.75 17.05 -24.77
N PHE B 111 -14.09 17.56 -23.74
CA PHE B 111 -14.51 17.36 -22.35
C PHE B 111 -15.55 18.43 -21.95
N THR B 112 -16.68 17.97 -21.41
CA THR B 112 -17.70 18.87 -20.86
C THR B 112 -18.09 18.46 -19.42
N PHE B 113 -17.91 19.39 -18.47
CA PHE B 113 -18.11 19.10 -17.05
C PHE B 113 -19.28 19.91 -16.44
N PRO B 114 -20.41 19.25 -16.15
CA PRO B 114 -21.55 19.95 -15.53
C PRO B 114 -21.34 20.20 -14.03
N ASP B 115 -22.08 21.16 -13.48
CA ASP B 115 -22.05 21.45 -12.05
C ASP B 115 -22.41 20.23 -11.22
N TYR B 116 -22.11 20.29 -9.93
CA TYR B 116 -22.59 19.30 -8.97
C TYR B 116 -23.77 19.90 -8.24
N GLU B 117 -24.70 19.07 -7.79
CA GLU B 117 -25.80 19.59 -7.00
C GLU B 117 -25.27 20.03 -5.63
N ARG B 118 -26.02 20.89 -4.95
CA ARG B 118 -25.57 21.45 -3.69
C ARG B 118 -25.70 20.43 -2.55
N SER B 119 -26.78 19.66 -2.55
CA SER B 119 -26.95 18.65 -1.52
C SER B 119 -25.79 17.64 -1.61
N GLN B 120 -25.31 17.40 -2.84
CA GLN B 120 -24.20 16.48 -3.05
C GLN B 120 -22.97 17.03 -2.34
N ILE B 121 -22.72 18.32 -2.52
CA ILE B 121 -21.53 18.93 -1.97
C ILE B 121 -21.63 19.02 -0.46
N ASN B 122 -22.82 19.24 0.06
CA ASN B 122 -22.96 19.28 1.51
C ASN B 122 -22.77 17.90 2.10
N ALA B 123 -23.12 16.88 1.31
CA ALA B 123 -22.94 15.50 1.72
C ALA B 123 -21.45 15.21 1.74
N LEU B 124 -20.76 15.66 0.70
CA LEU B 124 -19.35 15.36 0.54
C LEU B 124 -18.52 16.00 1.63
N LYS B 125 -18.93 17.18 2.08
CA LYS B 125 -18.21 17.84 3.14
C LYS B 125 -18.43 17.11 4.46
N GLN B 126 -19.66 16.69 4.69
CA GLN B 126 -19.98 15.96 5.91
C GLN B 126 -19.20 14.64 5.93
N LEU B 127 -19.24 13.92 4.82
CA LEU B 127 -18.58 12.63 4.69
C LEU B 127 -17.08 12.68 4.91
N ALA B 128 -16.42 13.61 4.21
CA ALA B 128 -14.95 13.66 4.22
C ALA B 128 -14.45 14.16 5.57
N LYS B 129 -15.23 15.03 6.19
CA LYS B 129 -14.93 15.49 7.53
C LYS B 129 -15.01 14.30 8.49
N ASN B 130 -16.02 13.45 8.30
CA ASN B 130 -16.17 12.26 9.13
C ASN B 130 -14.93 11.35 9.04
N ILE B 131 -14.50 11.12 7.80
CA ILE B 131 -13.32 10.32 7.52
C ILE B 131 -12.02 10.92 8.05
N LEU B 132 -11.78 12.20 7.82
CA LEU B 132 -10.48 12.79 8.16
C LEU B 132 -10.21 12.75 9.65
N GLN B 133 -11.26 12.86 10.46
CA GLN B 133 -11.11 12.89 11.91
C GLN B 133 -10.69 11.54 12.43
N ARG B 134 -10.78 10.53 11.57
CA ARG B 134 -10.56 9.15 11.99
C ARG B 134 -9.29 8.55 11.39
N TYR B 135 -8.64 9.25 10.47
CA TYR B 135 -7.36 8.81 9.88
C TYR B 135 -6.28 9.88 9.98
N PRO B 136 -5.47 9.83 11.06
CA PRO B 136 -4.49 10.87 11.42
C PRO B 136 -3.47 11.19 10.35
N ASP B 137 -3.18 10.25 9.48
CA ASP B 137 -2.18 10.50 8.45
C ASP B 137 -2.78 10.99 7.12
N MET B 138 -4.10 11.13 7.02
CA MET B 138 -4.62 11.87 5.86
C MET B 138 -4.67 13.38 6.11
N THR B 139 -3.49 13.94 5.95
CA THR B 139 -3.21 15.36 6.02
C THR B 139 -3.71 16.03 4.73
N PRO B 140 -3.95 17.35 4.77
CA PRO B 140 -4.56 18.10 3.66
C PRO B 140 -4.13 17.68 2.24
N LYS B 141 -2.83 17.64 1.94
CA LYS B 141 -2.35 17.22 0.63
C LYS B 141 -2.79 15.82 0.20
N ASN B 142 -3.26 15.02 1.15
CA ASN B 142 -3.64 13.64 0.85
C ASN B 142 -5.11 13.46 0.50
N VAL B 143 -5.88 14.55 0.53
CA VAL B 143 -7.19 14.55 -0.09
C VAL B 143 -6.99 14.96 -1.55
N VAL B 144 -7.18 14.01 -2.45
CA VAL B 144 -6.81 14.17 -3.85
C VAL B 144 -7.94 13.76 -4.77
N GLY B 145 -7.84 14.18 -6.03
CA GLY B 145 -8.77 13.74 -7.04
C GLY B 145 -8.08 12.69 -7.87
N HIS B 146 -8.87 11.85 -8.55
CA HIS B 146 -8.33 10.77 -9.37
C HIS B 146 -7.34 11.30 -10.38
N SER B 147 -7.53 12.55 -10.78
CA SER B 147 -6.70 13.14 -11.82
C SER B 147 -5.32 13.54 -11.29
N ASP B 148 -5.21 13.81 -9.98
CA ASP B 148 -3.91 14.09 -9.39
C ASP B 148 -3.06 12.82 -9.32
N ILE B 149 -3.71 11.69 -9.09
CA ILE B 149 -2.97 10.45 -8.87
C ILE B 149 -2.82 9.66 -10.15
N ALA B 150 -3.54 10.07 -11.19
CA ALA B 150 -3.45 9.42 -12.49
C ALA B 150 -3.37 10.43 -13.64
N VAL B 151 -2.37 11.29 -13.59
CA VAL B 151 -2.06 12.23 -14.66
C VAL B 151 -1.59 11.52 -15.92
N GLY B 152 -2.24 11.70 -17.05
CA GLY B 152 -3.50 12.38 -17.19
C GLY B 152 -4.36 11.36 -17.91
N ARG B 153 -4.57 10.25 -17.22
CA ARG B 153 -5.38 9.16 -17.73
C ARG B 153 -6.82 9.38 -17.25
N LYS B 154 -6.97 10.15 -16.19
CA LYS B 154 -8.29 10.40 -15.62
C LYS B 154 -8.56 11.90 -15.49
N SER B 155 -9.84 12.28 -15.51
CA SER B 155 -10.20 13.69 -15.42
C SER B 155 -11.23 14.02 -14.34
N ASP B 156 -11.35 13.14 -13.33
CA ASP B 156 -12.25 13.40 -12.20
C ASP B 156 -11.45 13.86 -10.98
N PRO B 157 -12.09 14.55 -10.03
CA PRO B 157 -13.50 14.91 -9.88
C PRO B 157 -13.94 16.01 -10.83
N GLY B 158 -13.00 16.65 -11.51
CA GLY B 158 -13.34 17.69 -12.47
C GLY B 158 -13.29 19.10 -11.91
N PRO B 159 -13.26 20.11 -12.81
CA PRO B 159 -13.15 21.53 -12.45
C PRO B 159 -14.41 22.10 -11.85
N LYS B 160 -15.44 21.25 -11.68
CA LYS B 160 -16.63 21.71 -11.00
C LYS B 160 -16.56 21.36 -9.54
N LEU B 161 -15.54 20.59 -9.16
CA LEU B 161 -15.35 20.20 -7.77
C LEU B 161 -14.80 21.37 -6.96
N PRO B 162 -15.60 21.88 -6.02
CA PRO B 162 -15.29 23.12 -5.28
C PRO B 162 -14.23 22.94 -4.20
N TRP B 163 -12.99 22.70 -4.60
CA TRP B 163 -11.94 22.40 -3.64
C TRP B 163 -11.78 23.45 -2.54
N LYS B 164 -11.74 24.73 -2.92
CA LYS B 164 -11.54 25.78 -1.92
C LYS B 164 -12.68 25.78 -0.90
N GLU B 165 -13.89 25.48 -1.37
CA GLU B 165 -15.01 25.34 -0.44
C GLU B 165 -14.73 24.24 0.58
N LEU B 166 -14.28 23.08 0.09
CA LEU B 166 -13.93 21.93 0.95
C LEU B 166 -12.86 22.31 1.95
N TYR B 167 -11.88 23.08 1.49
CA TYR B 167 -10.79 23.51 2.36
C TYR B 167 -11.30 24.37 3.49
N GLU B 168 -12.21 25.29 3.18
CA GLU B 168 -12.76 26.13 4.23
C GLU B 168 -13.59 25.31 5.23
N ALA B 169 -14.01 24.12 4.82
CA ALA B 169 -14.66 23.20 5.75
C ALA B 169 -13.63 22.31 6.43
N GLY B 170 -12.35 22.54 6.17
CA GLY B 170 -11.28 21.82 6.84
C GLY B 170 -10.94 20.50 6.15
N ILE B 171 -11.31 20.40 4.88
CA ILE B 171 -11.12 19.20 4.07
C ILE B 171 -10.21 19.50 2.91
N GLY B 172 -8.94 19.10 3.00
CA GLY B 172 -8.02 19.28 1.88
C GLY B 172 -7.04 20.45 1.97
N ALA B 173 -6.15 20.54 0.98
CA ALA B 173 -5.07 21.53 1.00
C ALA B 173 -5.34 22.74 0.10
N TRP B 174 -5.17 23.93 0.65
CA TRP B 174 -5.26 25.18 -0.12
C TRP B 174 -4.19 26.16 0.37
N TYR B 175 -3.77 27.06 -0.52
CA TYR B 175 -2.72 28.03 -0.23
C TYR B 175 -3.26 29.29 0.44
N ASP B 176 -2.35 30.14 0.89
CA ASP B 176 -2.74 31.45 1.39
C ASP B 176 -2.49 32.50 0.33
N ASP B 177 -3.46 33.41 0.14
CA ASP B 177 -3.38 34.38 -0.95
C ASP B 177 -2.13 35.24 -0.89
N ALA B 178 -1.80 35.70 0.32
CA ALA B 178 -0.61 36.52 0.53
C ALA B 178 0.61 35.81 -0.02
N THR B 179 0.70 34.53 0.32
CA THR B 179 1.82 33.70 -0.10
C THR B 179 1.85 33.49 -1.61
N ARG B 180 0.69 33.19 -2.22
CA ARG B 180 0.61 33.08 -3.67
C ARG B 180 1.09 34.35 -4.36
N ASP B 181 0.57 35.49 -3.92
CA ASP B 181 0.94 36.78 -4.49
C ASP B 181 2.45 37.01 -4.44
N ARG B 182 3.05 36.68 -3.32
CA ARG B 182 4.49 36.89 -3.16
C ARG B 182 5.32 36.08 -4.16
N TYR B 183 4.91 34.86 -4.44
CA TYR B 183 5.63 34.06 -5.42
C TYR B 183 5.40 34.64 -6.81
N ARG B 184 4.17 35.08 -7.05
CA ARG B 184 3.80 35.68 -8.33
CA ARG B 184 3.78 35.68 -8.32
C ARG B 184 4.63 36.91 -8.61
N GLU B 185 4.89 37.68 -7.55
CA GLU B 185 5.53 39.00 -7.60
C GLU B 185 6.61 39.28 -8.65
N GLY B 186 7.78 38.64 -8.60
CA GLY B 186 8.04 37.41 -7.88
C GLY B 186 8.61 36.57 -9.01
N PHE B 187 7.73 35.98 -9.79
CA PHE B 187 8.13 35.34 -11.02
C PHE B 187 8.04 36.38 -12.14
N GLU B 188 7.18 37.38 -11.95
CA GLU B 188 7.05 38.45 -12.91
C GLU B 188 8.26 39.39 -12.86
N ARG B 189 9.08 39.27 -11.83
CA ARG B 189 10.29 40.08 -11.73
C ARG B 189 11.51 39.35 -12.32
N ASP B 190 11.85 38.20 -11.77
CA ASP B 190 13.06 37.49 -12.24
C ASP B 190 12.76 36.26 -13.08
N GLY B 191 11.50 36.05 -13.41
CA GLY B 191 11.14 34.99 -14.34
C GLY B 191 10.75 33.68 -13.72
N LEU B 192 9.96 32.92 -14.48
CA LEU B 192 9.59 31.55 -14.13
C LEU B 192 10.82 30.68 -13.89
N PRO B 193 10.72 29.76 -12.92
CA PRO B 193 11.81 28.82 -12.61
C PRO B 193 12.06 27.88 -13.79
N PRO B 194 13.28 27.34 -13.92
CA PRO B 194 13.57 26.37 -14.98
C PRO B 194 12.63 25.16 -14.89
N ARG B 195 12.33 24.52 -16.00
CA ARG B 195 11.50 23.32 -15.97
C ARG B 195 11.97 22.26 -14.97
N ALA B 196 13.26 22.26 -14.66
CA ALA B 196 13.77 21.31 -13.67
C ALA B 196 13.18 21.59 -12.29
N ASP B 197 13.20 22.85 -11.88
CA ASP B 197 12.70 23.23 -10.56
C ASP B 197 11.21 22.95 -10.49
N LEU B 198 10.53 23.17 -11.60
CA LEU B 198 9.09 22.96 -11.66
C LEU B 198 8.72 21.48 -11.49
N LEU B 199 9.38 20.63 -12.26
CA LEU B 199 9.19 19.19 -12.15
C LEU B 199 9.46 18.77 -10.72
N GLU B 200 10.58 19.23 -10.19
CA GLU B 200 10.89 18.97 -8.80
C GLU B 200 9.79 19.45 -7.87
N ALA B 201 9.29 20.66 -8.11
CA ALA B 201 8.23 21.20 -7.28
C ALA B 201 7.00 20.32 -7.34
N PHE B 202 6.62 19.88 -8.53
CA PHE B 202 5.43 19.06 -8.68
C PHE B 202 5.60 17.72 -7.99
N ARG B 203 6.78 17.12 -8.11
CA ARG B 203 7.06 15.86 -7.41
C ARG B 203 6.91 16.10 -5.92
N LEU B 204 7.66 17.07 -5.43
CA LEU B 204 7.62 17.48 -4.04
C LEU B 204 6.20 17.58 -3.48
N TYR B 205 5.28 18.15 -4.25
CA TYR B 205 3.91 18.32 -3.75
C TYR B 205 3.21 16.99 -3.57
N GLY B 206 3.52 16.03 -4.43
CA GLY B 206 2.90 14.72 -4.35
C GLY B 206 2.85 13.97 -5.67
N TYR B 207 2.96 14.69 -6.78
CA TYR B 207 2.74 14.08 -8.10
C TYR B 207 3.77 13.01 -8.45
N ALA B 208 3.26 11.87 -8.91
CA ALA B 208 4.07 10.74 -9.31
C ALA B 208 4.57 10.92 -10.74
N LEU B 209 5.68 11.63 -10.90
CA LEU B 209 6.24 11.93 -12.22
C LEU B 209 7.09 10.82 -12.78
N PRO B 210 7.02 10.59 -14.10
CA PRO B 210 7.90 9.64 -14.80
C PRO B 210 9.36 10.09 -14.74
N ALA B 211 10.26 9.23 -15.18
CA ALA B 211 11.70 9.50 -15.10
C ALA B 211 12.10 10.65 -16.02
N THR B 212 11.33 10.80 -17.09
CA THR B 212 11.55 11.86 -18.08
C THR B 212 10.20 12.40 -18.54
N VAL B 213 10.04 13.72 -18.53
CA VAL B 213 8.73 14.33 -18.76
C VAL B 213 8.53 14.94 -20.14
N ASP B 214 7.75 14.22 -20.94
CA ASP B 214 7.21 14.64 -22.23
C ASP B 214 6.63 16.04 -22.21
N ASP B 215 6.59 16.71 -23.37
CA ASP B 215 5.91 17.99 -23.45
C ASP B 215 4.42 17.78 -23.26
N ALA B 216 3.93 16.68 -23.80
CA ALA B 216 2.52 16.33 -23.68
C ALA B 216 2.19 15.93 -22.25
N TYR B 217 3.13 15.25 -21.58
CA TYR B 217 2.92 14.89 -20.18
C TYR B 217 2.81 16.15 -19.35
N PHE B 218 3.79 17.03 -19.52
CA PHE B 218 3.83 18.27 -18.77
C PHE B 218 2.55 19.06 -18.95
N ALA B 219 1.99 19.01 -20.15
CA ALA B 219 0.69 19.60 -20.39
C ALA B 219 -0.34 18.98 -19.45
N SER B 220 -0.45 17.65 -19.50
CA SER B 220 -1.41 16.92 -18.67
C SER B 220 -1.18 17.12 -17.18
N LEU B 221 0.07 17.37 -16.80
CA LEU B 221 0.41 17.62 -15.40
C LEU B 221 -0.16 18.96 -14.98
N LEU B 222 0.13 20.00 -15.76
CA LEU B 222 -0.44 21.31 -15.49
C LEU B 222 -1.95 21.27 -15.49
N ARG B 223 -2.53 20.67 -16.52
CA ARG B 223 -3.98 20.57 -16.61
C ARG B 223 -4.57 20.01 -15.33
N ALA B 224 -4.08 18.84 -14.93
CA ALA B 224 -4.59 18.16 -13.74
C ALA B 224 -4.45 19.08 -12.55
N PHE B 225 -3.27 19.68 -12.42
CA PHE B 225 -2.99 20.56 -11.30
C PHE B 225 -3.93 21.77 -11.31
N GLN B 226 -4.21 22.29 -12.50
CA GLN B 226 -5.10 23.45 -12.62
C GLN B 226 -6.54 23.06 -12.35
N MET B 227 -6.97 21.92 -12.86
CA MET B 227 -8.34 21.46 -12.63
C MET B 227 -8.64 21.38 -11.14
N HIS B 228 -7.58 21.22 -10.34
CA HIS B 228 -7.72 21.12 -8.90
C HIS B 228 -7.50 22.49 -8.24
N PHE B 229 -6.39 23.14 -8.52
CA PHE B 229 -6.05 24.36 -7.79
C PHE B 229 -6.25 25.71 -8.49
N ARG B 230 -6.29 25.71 -9.82
CA ARG B 230 -6.55 26.95 -10.57
C ARG B 230 -7.64 26.71 -11.63
N PRO B 231 -8.88 26.46 -11.20
CA PRO B 231 -9.85 25.95 -12.15
C PRO B 231 -10.41 26.99 -13.13
N GLU B 232 -10.22 28.28 -12.85
CA GLU B 232 -10.64 29.35 -13.78
C GLU B 232 -10.06 29.14 -15.20
N ASN B 233 -8.84 28.61 -15.27
CA ASN B 233 -8.28 28.19 -16.55
C ASN B 233 -7.38 26.97 -16.42
N TYR B 234 -7.77 25.87 -17.06
CA TYR B 234 -6.98 24.65 -17.01
C TYR B 234 -6.56 24.19 -18.40
N ASP B 235 -6.18 25.14 -19.24
CA ASP B 235 -5.76 24.80 -20.61
C ASP B 235 -4.42 24.04 -20.70
N GLY B 236 -3.74 23.88 -19.56
CA GLY B 236 -2.54 23.07 -19.50
C GLY B 236 -1.30 23.88 -19.80
N ALA B 237 -1.44 25.20 -19.73
CA ALA B 237 -0.37 26.13 -20.07
C ALA B 237 0.36 26.65 -18.83
N LEU B 238 1.68 26.73 -18.91
CA LEU B 238 2.45 27.30 -17.82
C LEU B 238 2.40 28.85 -17.77
N ASP B 239 1.54 29.41 -16.92
CA ASP B 239 1.56 30.87 -16.68
C ASP B 239 2.30 31.15 -15.37
N VAL B 240 2.22 32.38 -14.84
CA VAL B 240 2.91 32.66 -13.57
C VAL B 240 2.05 32.42 -12.35
N GLU B 241 0.73 32.53 -12.52
CA GLU B 241 -0.16 32.27 -11.41
C GLU B 241 -0.17 30.79 -11.07
N THR B 242 -0.06 29.94 -12.09
CA THR B 242 0.03 28.51 -11.84
C THR B 242 1.27 28.17 -11.03
N ALA B 243 2.43 28.65 -11.49
CA ALA B 243 3.67 28.39 -10.81
C ALA B 243 3.61 28.94 -9.38
N ALA B 244 2.98 30.11 -9.23
CA ALA B 244 2.88 30.73 -7.91
C ALA B 244 2.06 29.88 -6.93
N ILE B 245 0.90 29.39 -7.39
CA ILE B 245 0.06 28.53 -6.57
C ILE B 245 0.79 27.27 -6.13
N LEU B 246 1.47 26.60 -7.07
CA LEU B 246 2.33 25.47 -6.73
C LEU B 246 3.31 25.80 -5.60
N TYR B 247 4.18 26.78 -5.84
CA TYR B 247 5.18 27.17 -4.84
C TYR B 247 4.59 27.55 -3.49
N ALA B 248 3.46 28.24 -3.48
CA ALA B 248 2.79 28.61 -2.24
C ALA B 248 2.29 27.36 -1.48
N LEU B 249 1.75 26.39 -2.21
CA LEU B 249 1.25 25.15 -1.60
C LEU B 249 2.42 24.41 -0.97
N ASN B 250 3.52 24.25 -1.71
CA ASN B 250 4.74 23.67 -1.16
C ASN B 250 5.25 24.42 0.07
N GLU B 251 5.17 25.75 0.09
CA GLU B 251 5.66 26.46 1.26
C GLU B 251 4.80 26.18 2.47
N LYS B 252 3.49 26.29 2.27
CA LYS B 252 2.51 26.03 3.33
C LYS B 252 2.56 24.58 3.82
N TYR B 253 2.83 23.65 2.91
CA TYR B 253 2.75 22.21 3.22
C TYR B 253 4.02 21.45 2.83
N PRO B 254 5.15 21.73 3.51
CA PRO B 254 6.40 21.09 3.09
C PRO B 254 6.58 19.75 3.80
N ALA B 255 7.81 19.23 3.86
CA ALA B 255 8.08 18.01 4.62
C ALA B 255 8.48 18.28 6.09
#